data_3UB7
#
_entry.id   3UB7
#
_cell.length_a   79.587
_cell.length_b   81.986
_cell.length_c   94.137
_cell.angle_alpha   90.00
_cell.angle_beta   90.00
_cell.angle_gamma   90.00
#
_symmetry.space_group_name_H-M   'P 21 21 21'
#
loop_
_entity.id
_entity.type
_entity.pdbx_description
1 polymer 'chemoreceptor TlpB'
2 non-polymer ACETAMIDE
3 non-polymer 'SULFATE ION'
4 non-polymer GLYCEROL
5 water water
#
_entity_poly.entity_id   1
_entity_poly.type   'polypeptide(L)'
_entity_poly.pdbx_seq_one_letter_code
;GSKVMQKDVLAQLMEHLETGQYKKREKTLAYMTKILEQGIHEYYKSFDNDTARKMALDYFKRINDDKGMIYMVVVDKNGV
VLFDPVNPKTVGQSGLDAQSVDGVYYVRGYLEAAKKGGGYTYYKMPKYDGGVPEKKFAYSHYDEVSQMVIAATSYYTDIN
TENKAIKEGVNKVFNENTTRL
;
_entity_poly.pdbx_strand_id   A,B
#
# COMPACT_ATOMS: atom_id res chain seq x y z
N GLN A 12 8.93 -20.81 21.68
CA GLN A 12 10.04 -20.02 21.09
C GLN A 12 9.82 -19.77 19.59
N LEU A 13 9.40 -20.79 18.85
CA LEU A 13 9.16 -20.61 17.42
C LEU A 13 8.17 -19.48 17.22
N MET A 14 7.06 -19.54 17.96
CA MET A 14 6.01 -18.53 17.86
C MET A 14 6.54 -17.12 18.19
N GLU A 15 7.38 -17.01 19.21
CA GLU A 15 7.93 -15.71 19.62
C GLU A 15 8.74 -15.05 18.48
N HIS A 16 9.63 -15.83 17.89
CA HIS A 16 10.56 -15.34 16.88
C HIS A 16 9.76 -15.09 15.60
N LEU A 17 8.75 -15.91 15.36
CA LEU A 17 7.87 -15.71 14.21
C LEU A 17 7.10 -14.37 14.31
N GLU A 18 6.56 -14.12 15.49
CA GLU A 18 5.82 -12.90 15.74
C GLU A 18 6.71 -11.68 15.56
N THR A 19 7.90 -11.71 16.14
CA THR A 19 8.86 -10.64 16.01
C THR A 19 9.20 -10.39 14.54
N GLY A 20 9.38 -11.48 13.80
CA GLY A 20 9.68 -11.38 12.38
C GLY A 20 8.55 -10.76 11.58
N GLN A 21 7.33 -11.11 11.92
CA GLN A 21 6.14 -10.55 11.28
C GLN A 21 6.03 -9.04 11.55
N TYR A 22 6.39 -8.62 12.75
CA TYR A 22 6.34 -7.21 13.09
C TYR A 22 7.42 -6.45 12.33
N LYS A 23 8.64 -6.99 12.26
CA LYS A 23 9.72 -6.37 11.51
C LYS A 23 9.36 -6.24 10.02
N LYS A 24 8.72 -7.28 9.47
CA LYS A 24 8.26 -7.24 8.08
C LYS A 24 7.26 -6.11 7.85
N ARG A 25 6.32 -5.98 8.78
CA ARG A 25 5.32 -4.93 8.68
C ARG A 25 5.94 -3.53 8.79
N GLU A 26 6.98 -3.38 9.59
CA GLU A 26 7.73 -2.14 9.64
C GLU A 26 8.22 -1.76 8.24
N LYS A 27 8.83 -2.72 7.53
CA LYS A 27 9.34 -2.43 6.22
C LYS A 27 8.19 -2.11 5.25
N THR A 28 7.09 -2.84 5.36
CA THR A 28 5.91 -2.60 4.54
C THR A 28 5.42 -1.16 4.71
N LEU A 29 5.39 -0.66 5.95
CA LEU A 29 4.95 0.70 6.15
C LEU A 29 5.84 1.75 5.54
N ALA A 30 7.15 1.52 5.51
CA ALA A 30 8.05 2.44 4.82
C ALA A 30 7.73 2.48 3.31
N TYR A 31 7.50 1.31 2.72
CA TYR A 31 7.14 1.22 1.31
C TYR A 31 5.78 1.87 1.00
N MET A 32 4.78 1.58 1.83
CA MET A 32 3.50 2.15 1.63
C MET A 32 3.54 3.66 1.76
N THR A 33 4.33 4.19 2.70
CA THR A 33 4.44 5.63 2.83
C THR A 33 5.02 6.23 1.53
N LYS A 34 6.05 5.58 0.97
CA LYS A 34 6.66 6.04 -0.26
C LYS A 34 5.60 6.10 -1.38
N ILE A 35 4.84 5.02 -1.56
CA ILE A 35 3.87 5.03 -2.65
C ILE A 35 2.72 6.00 -2.40
N LEU A 36 2.33 6.20 -1.15
CA LEU A 36 1.28 7.17 -0.85
C LEU A 36 1.77 8.60 -1.14
N GLU A 37 3.02 8.89 -0.77
CA GLU A 37 3.62 10.17 -1.14
C GLU A 37 3.60 10.36 -2.65
N GLN A 38 4.01 9.35 -3.40
CA GLN A 38 4.00 9.46 -4.86
C GLN A 38 2.60 9.71 -5.39
N GLY A 39 1.59 9.14 -4.74
CA GLY A 39 0.24 9.37 -5.14
C GLY A 39 -0.20 10.80 -4.90
N ILE A 40 0.04 11.31 -3.69
CA ILE A 40 -0.40 12.68 -3.39
C ILE A 40 0.43 13.73 -4.17
N HIS A 41 1.62 13.36 -4.65
CA HIS A 41 2.36 14.28 -5.49
C HIS A 41 1.55 14.64 -6.74
N GLU A 42 0.70 13.73 -7.22
CA GLU A 42 -0.18 14.10 -8.37
C GLU A 42 -1.09 15.27 -8.00
N TYR A 43 -1.56 15.31 -6.76
CA TYR A 43 -2.42 16.39 -6.31
C TYR A 43 -1.62 17.69 -6.31
N TYR A 44 -0.42 17.66 -5.73
CA TYR A 44 0.40 18.85 -5.62
C TYR A 44 0.87 19.38 -6.97
N LYS A 45 1.03 18.49 -7.95
CA LYS A 45 1.47 18.94 -9.28
C LYS A 45 0.36 19.63 -10.04
N SER A 46 -0.90 19.38 -9.71
CA SER A 46 -2.01 19.77 -10.56
C SER A 46 -3.04 20.71 -9.94
N PHE A 47 -2.97 20.92 -8.63
CA PHE A 47 -3.88 21.78 -7.88
C PHE A 47 -3.10 22.78 -7.05
N ASP A 48 -3.72 23.89 -6.70
CA ASP A 48 -3.08 24.84 -5.82
C ASP A 48 -2.80 24.20 -4.44
N ASN A 49 -1.88 24.80 -3.68
CA ASN A 49 -1.38 24.26 -2.44
CA ASN A 49 -1.36 24.10 -2.51
C ASN A 49 -2.48 23.83 -1.48
N ASP A 50 -3.41 24.76 -1.26
CA ASP A 50 -4.48 24.52 -0.26
C ASP A 50 -5.38 23.39 -0.72
N THR A 51 -5.67 23.34 -2.02
CA THR A 51 -6.52 22.28 -2.57
C THR A 51 -5.82 20.93 -2.52
N ALA A 52 -4.54 20.90 -2.87
CA ALA A 52 -3.75 19.68 -2.84
C ALA A 52 -3.71 19.12 -1.42
N ARG A 53 -3.49 19.99 -0.42
CA ARG A 53 -3.46 19.47 0.95
CA ARG A 53 -3.49 19.60 0.99
C ARG A 53 -4.83 18.95 1.36
N LYS A 54 -5.92 19.65 1.02
CA LYS A 54 -7.26 19.14 1.28
C LYS A 54 -7.48 17.77 0.64
N MET A 55 -7.03 17.62 -0.60
CA MET A 55 -7.18 16.35 -1.29
CA MET A 55 -7.18 16.34 -1.28
C MET A 55 -6.38 15.24 -0.58
N ALA A 56 -5.17 15.55 -0.16
CA ALA A 56 -4.34 14.57 0.55
C ALA A 56 -5.02 14.13 1.84
N LEU A 57 -5.53 15.08 2.62
CA LEU A 57 -6.11 14.71 3.91
C LEU A 57 -7.48 14.02 3.74
N ASP A 58 -8.26 14.39 2.72
CA ASP A 58 -9.47 13.68 2.44
CA ASP A 58 -9.49 13.66 2.34
C ASP A 58 -9.19 12.24 1.98
N TYR A 59 -8.13 12.06 1.21
CA TYR A 59 -7.70 10.70 0.84
C TYR A 59 -7.33 9.88 2.09
N PHE A 60 -6.54 10.48 2.96
CA PHE A 60 -6.11 9.79 4.18
C PHE A 60 -7.31 9.44 5.07
N LYS A 61 -8.33 10.31 5.10
CA LYS A 61 -9.58 9.97 5.78
C LYS A 61 -10.20 8.71 5.20
N ARG A 62 -10.23 8.63 3.86
CA ARG A 62 -10.75 7.45 3.21
C ARG A 62 -9.96 6.19 3.54
N ILE A 63 -8.64 6.29 3.62
CA ILE A 63 -7.80 5.15 4.03
C ILE A 63 -8.17 4.74 5.47
N ASN A 64 -8.22 5.70 6.38
CA ASN A 64 -8.51 5.34 7.76
C ASN A 64 -9.93 4.73 7.88
N ASP A 65 -10.86 5.28 7.11
CA ASP A 65 -12.25 4.76 7.14
C ASP A 65 -12.34 3.32 6.60
N ASP A 66 -11.36 2.88 5.82
CA ASP A 66 -11.32 1.52 5.32
C ASP A 66 -11.06 0.51 6.44
N LYS A 67 -10.50 0.96 7.56
CA LYS A 67 -10.26 0.09 8.73
C LYS A 67 -9.51 -1.18 8.35
N GLY A 68 -8.42 -0.99 7.59
CA GLY A 68 -7.61 -2.08 7.10
C GLY A 68 -6.23 -2.07 7.68
N MET A 69 -5.24 -2.29 6.82
CA MET A 69 -3.88 -2.52 7.27
C MET A 69 -3.27 -1.32 7.98
N ILE A 70 -3.52 -0.13 7.47
CA ILE A 70 -2.86 1.07 7.94
C ILE A 70 -3.83 2.19 8.30
N TYR A 71 -3.36 3.07 9.18
CA TYR A 71 -4.07 4.27 9.54
C TYR A 71 -3.07 5.40 9.50
N MET A 72 -3.42 6.50 8.85
CA MET A 72 -2.50 7.63 8.69
C MET A 72 -2.63 8.60 9.87
N VAL A 73 -1.52 9.28 10.16
CA VAL A 73 -1.45 10.45 11.01
C VAL A 73 -0.53 11.46 10.28
N VAL A 74 -0.83 12.75 10.31
CA VAL A 74 0.00 13.74 9.65
C VAL A 74 0.25 14.94 10.55
N VAL A 75 1.50 15.39 10.61
CA VAL A 75 1.85 16.61 11.33
C VAL A 75 2.71 17.47 10.42
N ASP A 76 2.82 18.77 10.71
CA ASP A 76 3.76 19.58 9.95
C ASP A 76 5.15 19.54 10.56
N LYS A 77 6.14 20.17 9.91
CA LYS A 77 7.53 20.05 10.38
C LYS A 77 7.78 20.65 11.76
N ASN A 78 6.86 21.48 12.21
CA ASN A 78 6.92 22.06 13.53
C ASN A 78 6.11 21.35 14.58
N GLY A 79 5.43 20.28 14.18
CA GLY A 79 4.67 19.47 15.11
C GLY A 79 3.22 19.85 15.27
N VAL A 80 2.70 20.69 14.39
CA VAL A 80 1.26 20.98 14.38
C VAL A 80 0.54 19.78 13.77
N VAL A 81 -0.48 19.29 14.44
CA VAL A 81 -1.22 18.14 13.96
C VAL A 81 -2.12 18.54 12.81
N LEU A 82 -1.94 17.90 11.66
CA LEU A 82 -2.76 18.19 10.51
C LEU A 82 -3.89 17.18 10.29
N PHE A 83 -3.70 15.94 10.75
CA PHE A 83 -4.67 14.85 10.51
C PHE A 83 -4.49 13.79 11.57
N ASP A 84 -5.58 13.51 12.29
CA ASP A 84 -5.65 12.41 13.24
C ASP A 84 -7.08 12.19 13.71
N PRO A 85 -7.84 11.37 12.98
CA PRO A 85 -9.24 11.17 13.34
C PRO A 85 -9.49 10.51 14.72
N VAL A 86 -8.46 9.89 15.30
CA VAL A 86 -8.56 9.33 16.65
C VAL A 86 -8.58 10.44 17.70
N ASN A 87 -7.91 11.55 17.39
CA ASN A 87 -7.76 12.68 18.31
C ASN A 87 -8.10 14.01 17.62
N PRO A 88 -9.36 14.13 17.16
CA PRO A 88 -9.75 15.24 16.29
C PRO A 88 -9.50 16.63 16.87
N LYS A 89 -9.59 16.76 18.19
CA LYS A 89 -9.40 18.05 18.80
C LYS A 89 -7.96 18.53 18.76
N THR A 90 -7.00 17.64 18.48
CA THR A 90 -5.61 18.04 18.37
C THR A 90 -5.28 18.70 17.02
N VAL A 91 -6.17 18.54 16.04
CA VAL A 91 -5.93 19.05 14.68
C VAL A 91 -5.88 20.58 14.75
N GLY A 92 -4.83 21.14 14.18
CA GLY A 92 -4.61 22.56 14.11
C GLY A 92 -3.83 23.14 15.27
N GLN A 93 -3.54 22.29 16.24
CA GLN A 93 -2.79 22.63 17.43
C GLN A 93 -1.38 22.02 17.41
N SER A 94 -0.42 22.65 18.08
CA SER A 94 0.85 22.02 18.35
C SER A 94 0.62 20.70 19.05
N GLY A 95 1.29 19.65 18.58
CA GLY A 95 1.32 18.37 19.24
C GLY A 95 2.61 18.05 19.97
N LEU A 96 3.45 19.06 20.18
CA LEU A 96 4.76 18.82 20.79
C LEU A 96 4.69 18.30 22.21
N ASP A 97 3.62 18.64 22.94
CA ASP A 97 3.47 18.15 24.30
C ASP A 97 2.41 17.07 24.43
N ALA A 98 1.92 16.58 23.28
CA ALA A 98 0.93 15.51 23.29
C ALA A 98 1.60 14.21 23.79
N GLN A 99 0.93 13.51 24.68
CA GLN A 99 1.42 12.20 25.12
C GLN A 99 0.35 11.14 24.91
N SER A 100 0.81 9.97 24.46
CA SER A 100 -0.01 8.79 24.53
C SER A 100 -0.28 8.39 25.97
N VAL A 101 -1.22 7.46 26.17
CA VAL A 101 -1.56 7.04 27.53
C VAL A 101 -0.44 6.27 28.19
N ASP A 102 0.47 5.70 27.40
CA ASP A 102 1.71 5.10 27.93
C ASP A 102 2.90 6.06 28.00
N GLY A 103 2.62 7.35 27.88
CA GLY A 103 3.62 8.37 28.17
C GLY A 103 4.61 8.70 27.08
N VAL A 104 4.28 8.36 25.85
CA VAL A 104 5.16 8.65 24.71
C VAL A 104 4.75 9.96 24.05
N TYR A 105 5.73 10.84 23.82
CA TYR A 105 5.50 12.07 23.06
C TYR A 105 5.51 11.69 21.60
N TYR A 106 4.35 11.25 21.11
CA TYR A 106 4.28 10.55 19.83
C TYR A 106 4.63 11.51 18.68
N VAL A 107 4.25 12.77 18.77
CA VAL A 107 4.55 13.73 17.71
C VAL A 107 6.05 14.01 17.69
N ARG A 108 6.66 14.18 18.86
CA ARG A 108 8.14 14.29 18.91
C ARG A 108 8.79 13.09 18.24
N GLY A 109 8.25 11.90 18.46
CA GLY A 109 8.76 10.70 17.84
C GLY A 109 8.63 10.76 16.32
N TYR A 110 7.50 11.25 15.82
CA TYR A 110 7.34 11.36 14.36
C TYR A 110 8.43 12.27 13.79
N LEU A 111 8.63 13.41 14.44
CA LEU A 111 9.59 14.42 13.97
C LEU A 111 11.03 13.91 14.04
N GLU A 112 11.36 13.20 15.13
CA GLU A 112 12.71 12.70 15.30
CA GLU A 112 12.71 12.67 15.32
C GLU A 112 13.02 11.69 14.21
N ALA A 113 12.06 10.81 13.93
CA ALA A 113 12.23 9.80 12.88
C ALA A 113 12.37 10.46 11.50
N ALA A 114 11.55 11.46 11.23
CA ALA A 114 11.58 12.11 9.93
C ALA A 114 12.91 12.86 9.74
N LYS A 115 13.46 13.44 10.80
CA LYS A 115 14.73 14.17 10.72
C LYS A 115 15.87 13.25 10.29
N LYS A 116 15.79 11.97 10.68
CA LYS A 116 16.76 10.92 10.34
C LYS A 116 16.57 10.32 8.93
N GLY A 117 15.57 10.81 8.21
CA GLY A 117 15.26 10.26 6.89
C GLY A 117 14.14 9.23 6.85
N GLY A 118 13.49 9.06 8.00
CA GLY A 118 12.43 8.08 8.18
C GLY A 118 12.73 7.13 9.30
N GLY A 119 11.70 6.74 10.04
CA GLY A 119 11.87 5.84 11.17
C GLY A 119 10.60 5.64 11.95
N TYR A 120 10.74 5.02 13.12
CA TYR A 120 9.63 4.40 13.82
C TYR A 120 9.41 5.03 15.21
N THR A 121 8.14 5.04 15.60
CA THR A 121 7.69 5.50 16.92
C THR A 121 6.69 4.48 17.44
N TYR A 122 6.84 4.13 18.71
CA TYR A 122 6.10 3.04 19.33
C TYR A 122 5.31 3.59 20.51
N TYR A 123 4.00 3.32 20.55
CA TYR A 123 3.13 3.93 21.56
C TYR A 123 1.78 3.24 21.55
N LYS A 124 0.97 3.54 22.56
CA LYS A 124 -0.40 3.03 22.62
C LYS A 124 -1.41 4.10 22.24
N MET A 125 -2.46 3.70 21.54
CA MET A 125 -3.49 4.63 21.11
C MET A 125 -4.71 3.80 20.75
N PRO A 126 -5.90 4.38 20.91
CA PRO A 126 -7.08 3.69 20.38
C PRO A 126 -7.03 3.59 18.87
N LYS A 127 -7.87 2.71 18.33
CA LYS A 127 -8.12 2.65 16.89
C LYS A 127 -9.09 3.71 16.42
N TYR A 128 -9.93 4.21 17.32
CA TYR A 128 -10.94 5.22 17.03
C TYR A 128 -11.14 6.06 18.28
N ASP A 129 -11.65 7.28 18.09
CA ASP A 129 -11.86 8.24 19.18
C ASP A 129 -12.76 7.60 20.25
N GLY A 130 -12.24 7.47 21.47
CA GLY A 130 -12.98 6.91 22.60
C GLY A 130 -12.82 5.42 22.81
N GLY A 131 -12.05 4.76 21.95
CA GLY A 131 -11.86 3.34 22.03
C GLY A 131 -10.79 2.91 23.06
N VAL A 132 -10.64 1.61 23.23
CA VAL A 132 -9.62 1.05 24.11
C VAL A 132 -8.24 1.24 23.50
N PRO A 133 -7.29 1.75 24.30
CA PRO A 133 -5.95 1.93 23.75
C PRO A 133 -5.24 0.61 23.46
N GLU A 134 -4.52 0.58 22.33
CA GLU A 134 -3.81 -0.60 21.91
CA GLU A 134 -3.89 -0.60 21.74
C GLU A 134 -2.43 -0.26 21.42
N LYS A 135 -1.52 -1.20 21.57
CA LYS A 135 -0.14 -0.96 21.14
C LYS A 135 -0.08 -0.84 19.61
N LYS A 136 0.70 0.14 19.15
CA LYS A 136 0.85 0.36 17.71
C LYS A 136 2.24 0.89 17.42
N PHE A 137 2.53 1.07 16.13
CA PHE A 137 3.72 1.78 15.73
C PHE A 137 3.46 2.60 14.50
N ALA A 138 4.32 3.61 14.31
CA ALA A 138 4.24 4.53 13.19
C ALA A 138 5.57 4.55 12.45
N TYR A 139 5.53 4.53 11.12
CA TYR A 139 6.66 4.94 10.31
C TYR A 139 6.37 6.34 9.85
N SER A 140 7.29 7.28 10.09
CA SER A 140 7.10 8.65 9.63
C SER A 140 8.23 9.09 8.70
N HIS A 141 7.91 10.03 7.84
CA HIS A 141 8.80 10.51 6.79
C HIS A 141 8.37 11.91 6.39
N TYR A 142 9.35 12.79 6.17
CA TYR A 142 9.09 14.12 5.64
C TYR A 142 9.01 14.15 4.12
N ASP A 143 7.80 14.44 3.64
CA ASP A 143 7.56 14.59 2.19
C ASP A 143 7.88 16.01 1.79
N GLU A 144 8.93 16.18 0.98
CA GLU A 144 9.30 17.56 0.66
CA GLU A 144 9.42 17.47 0.55
C GLU A 144 8.36 18.25 -0.30
N VAL A 145 7.63 17.53 -1.14
CA VAL A 145 6.66 18.17 -2.04
C VAL A 145 5.53 18.80 -1.22
N SER A 146 4.91 18.03 -0.31
CA SER A 146 3.76 18.52 0.44
C SER A 146 4.16 19.28 1.68
N GLN A 147 5.42 19.13 2.09
CA GLN A 147 5.92 19.68 3.34
C GLN A 147 5.12 19.19 4.52
N MET A 148 4.80 17.90 4.48
CA MET A 148 4.12 17.24 5.59
C MET A 148 4.99 16.11 6.13
N VAL A 149 4.95 15.88 7.44
CA VAL A 149 5.49 14.67 8.04
C VAL A 149 4.34 13.66 8.07
N ILE A 150 4.44 12.65 7.20
CA ILE A 150 3.41 11.67 6.99
C ILE A 150 3.79 10.42 7.78
N ALA A 151 2.83 9.91 8.57
CA ALA A 151 2.98 8.69 9.34
C ALA A 151 1.96 7.66 8.91
N ALA A 152 2.44 6.51 8.45
CA ALA A 152 1.64 5.31 8.24
C ALA A 152 1.77 4.48 9.50
N THR A 153 0.64 4.01 10.05
CA THR A 153 0.64 3.33 11.33
C THR A 153 -0.09 2.01 11.25
N SER A 154 0.32 1.04 12.06
CA SER A 154 -0.42 -0.21 12.20
C SER A 154 -0.47 -0.63 13.67
N TYR A 155 -1.52 -1.39 13.99
CA TYR A 155 -1.80 -1.91 15.32
C TYR A 155 -1.34 -3.36 15.39
N TYR A 156 -0.65 -3.72 16.48
CA TYR A 156 -0.19 -5.10 16.62
C TYR A 156 -1.36 -6.11 16.59
N THR A 157 -2.51 -5.76 17.16
CA THR A 157 -3.67 -6.66 17.09
CA THR A 157 -3.64 -6.66 17.13
C THR A 157 -4.03 -7.01 15.66
N ASP A 158 -3.94 -6.03 14.78
CA ASP A 158 -4.31 -6.23 13.40
C ASP A 158 -3.29 -7.10 12.69
N ILE A 159 -2.02 -6.88 12.98
CA ILE A 159 -0.95 -7.69 12.39
C ILE A 159 -1.17 -9.13 12.81
N ASN A 160 -1.49 -9.35 14.10
CA ASN A 160 -1.74 -10.70 14.56
C ASN A 160 -2.96 -11.32 13.85
N THR A 161 -4.03 -10.56 13.69
CA THR A 161 -5.19 -11.05 12.96
C THR A 161 -4.85 -11.52 11.55
N GLU A 162 -4.11 -10.69 10.86
CA GLU A 162 -3.71 -10.99 9.47
C GLU A 162 -2.85 -12.24 9.38
N ASN A 163 -2.07 -12.50 10.43
CA ASN A 163 -1.14 -13.62 10.48
C ASN A 163 -1.72 -14.85 11.19
N LYS A 164 -3.02 -14.82 11.49
CA LYS A 164 -3.64 -15.86 12.33
C LYS A 164 -3.56 -17.21 11.62
N ALA A 165 -3.84 -17.23 10.31
CA ALA A 165 -3.86 -18.49 9.57
C ALA A 165 -2.45 -19.09 9.44
N ILE A 166 -1.44 -18.25 9.28
CA ILE A 166 -0.02 -18.69 9.32
C ILE A 166 0.27 -19.31 10.68
N LYS A 167 -0.18 -18.65 11.75
CA LYS A 167 0.07 -19.13 13.11
C LYS A 167 -0.59 -20.48 13.31
N GLU A 168 -1.83 -20.62 12.86
CA GLU A 168 -2.57 -21.86 13.04
C GLU A 168 -1.94 -23.01 12.23
N GLY A 169 -1.39 -22.67 11.07
CA GLY A 169 -0.74 -23.67 10.20
C GLY A 169 0.54 -24.24 10.79
N VAL A 170 1.33 -23.36 11.41
CA VAL A 170 2.54 -23.75 12.13
C VAL A 170 2.18 -24.60 13.33
N ASN A 171 1.17 -24.16 14.10
CA ASN A 171 0.63 -25.01 15.16
C ASN A 171 0.20 -26.35 14.56
N ALA B 11 9.96 -29.53 7.94
CA ALA B 11 9.93 -29.56 6.44
C ALA B 11 8.54 -29.26 5.87
N GLN B 12 7.51 -29.87 6.44
CA GLN B 12 6.12 -29.55 6.07
C GLN B 12 5.78 -28.17 6.64
N LEU B 13 6.54 -27.78 7.67
CA LEU B 13 6.38 -26.48 8.33
C LEU B 13 6.65 -25.38 7.32
N MET B 14 7.80 -25.46 6.65
CA MET B 14 8.19 -24.44 5.67
C MET B 14 7.18 -24.36 4.51
N GLU B 15 6.66 -25.51 4.08
CA GLU B 15 5.69 -25.56 2.99
C GLU B 15 4.43 -24.77 3.34
N HIS B 16 3.87 -25.07 4.49
CA HIS B 16 2.61 -24.49 4.93
C HIS B 16 2.84 -23.01 5.29
N LEU B 17 4.04 -22.68 5.75
CA LEU B 17 4.39 -21.28 6.04
C LEU B 17 4.41 -20.43 4.75
N GLU B 18 5.11 -20.94 3.74
CA GLU B 18 5.21 -20.29 2.45
C GLU B 18 3.83 -20.09 1.81
N THR B 19 3.00 -21.13 1.82
CA THR B 19 1.62 -21.04 1.31
C THR B 19 0.84 -19.95 2.05
N GLY B 20 1.02 -19.91 3.35
CA GLY B 20 0.35 -18.91 4.18
C GLY B 20 0.80 -17.49 3.85
N GLN B 21 2.10 -17.34 3.63
CA GLN B 21 2.66 -16.05 3.27
C GLN B 21 2.14 -15.58 1.90
N TYR B 22 1.95 -16.49 0.97
CA TYR B 22 1.41 -16.13 -0.33
C TYR B 22 -0.05 -15.73 -0.23
N LYS B 23 -0.82 -16.47 0.58
CA LYS B 23 -2.23 -16.14 0.82
C LYS B 23 -2.38 -14.77 1.48
N LYS B 24 -1.48 -14.46 2.40
CA LYS B 24 -1.47 -13.16 3.03
C LYS B 24 -1.21 -12.06 2.00
N ARG B 25 -0.23 -12.26 1.15
CA ARG B 25 0.09 -11.27 0.14
C ARG B 25 -1.09 -11.06 -0.85
N GLU B 26 -1.80 -12.13 -1.17
CA GLU B 26 -3.02 -11.98 -1.99
C GLU B 26 -3.97 -10.99 -1.36
N LYS B 27 -4.20 -11.12 -0.06
CA LYS B 27 -5.09 -10.19 0.62
C LYS B 27 -4.53 -8.76 0.65
N THR B 28 -3.23 -8.64 0.85
CA THR B 28 -2.55 -7.34 0.82
C THR B 28 -2.81 -6.65 -0.53
N LEU B 29 -2.70 -7.38 -1.63
CA LEU B 29 -2.89 -6.76 -2.96
C LEU B 29 -4.31 -6.25 -3.14
N ALA B 30 -5.29 -6.96 -2.58
CA ALA B 30 -6.68 -6.50 -2.70
C ALA B 30 -6.85 -5.17 -1.95
N TYR B 31 -6.24 -5.08 -0.76
CA TYR B 31 -6.30 -3.85 0.03
C TYR B 31 -5.55 -2.70 -0.65
N MET B 32 -4.34 -2.99 -1.14
CA MET B 32 -3.59 -1.97 -1.84
C MET B 32 -4.31 -1.44 -3.06
N THR B 33 -4.97 -2.33 -3.79
CA THR B 33 -5.71 -1.88 -4.96
C THR B 33 -6.84 -0.93 -4.55
N LYS B 34 -7.53 -1.26 -3.47
CA LYS B 34 -8.58 -0.39 -2.96
C LYS B 34 -8.04 1.00 -2.63
N ILE B 35 -6.94 1.07 -1.88
CA ILE B 35 -6.43 2.38 -1.49
C ILE B 35 -5.84 3.15 -2.68
N LEU B 36 -5.28 2.45 -3.66
CA LEU B 36 -4.82 3.15 -4.87
C LEU B 36 -5.99 3.73 -5.67
N GLU B 37 -7.07 2.98 -5.78
CA GLU B 37 -8.28 3.49 -6.41
C GLU B 37 -8.76 4.75 -5.69
N GLN B 38 -8.81 4.71 -4.37
CA GLN B 38 -9.26 5.86 -3.60
C GLN B 38 -8.38 7.07 -3.82
N GLY B 39 -7.10 6.84 -4.08
CA GLY B 39 -6.17 7.92 -4.36
C GLY B 39 -6.46 8.59 -5.70
N ILE B 40 -6.58 7.79 -6.77
CA ILE B 40 -6.70 8.35 -8.09
C ILE B 40 -8.10 8.97 -8.27
N HIS B 41 -9.10 8.55 -7.49
CA HIS B 41 -10.42 9.16 -7.64
C HIS B 41 -10.37 10.65 -7.33
N GLU B 42 -9.45 11.11 -6.45
CA GLU B 42 -9.37 12.55 -6.00
C GLU B 42 -9.30 13.45 -7.17
N TYR B 43 -8.64 13.05 -8.26
CA TYR B 43 -8.58 13.88 -9.47
C TYR B 43 -9.44 13.42 -10.68
N TYR B 44 -9.93 12.17 -10.68
CA TYR B 44 -10.99 11.83 -11.63
C TYR B 44 -12.22 12.74 -11.39
N LYS B 45 -12.42 13.12 -10.13
CA LYS B 45 -13.53 13.98 -9.70
C LYS B 45 -13.39 15.41 -10.31
N SER B 46 -12.20 15.83 -10.71
CA SER B 46 -11.89 17.23 -11.04
C SER B 46 -11.50 17.44 -12.51
N PHE B 47 -10.82 16.47 -13.14
CA PHE B 47 -10.22 16.64 -14.48
C PHE B 47 -10.94 15.76 -15.50
N ASP B 48 -10.80 16.11 -16.77
CA ASP B 48 -11.34 15.30 -17.85
C ASP B 48 -10.69 13.89 -17.86
N ASN B 49 -11.38 12.94 -18.46
CA ASN B 49 -10.93 11.55 -18.44
C ASN B 49 -9.48 11.40 -18.94
N ASP B 50 -9.15 12.03 -20.05
CA ASP B 50 -7.82 11.83 -20.64
C ASP B 50 -6.75 12.31 -19.65
N THR B 51 -6.98 13.47 -19.04
CA THR B 51 -6.01 14.07 -18.11
C THR B 51 -5.91 13.22 -16.86
N ALA B 52 -7.04 12.80 -16.32
CA ALA B 52 -7.05 12.00 -15.08
C ALA B 52 -6.34 10.66 -15.31
N ARG B 53 -6.61 10.00 -16.44
CA ARG B 53 -5.98 8.74 -16.75
C ARG B 53 -4.46 8.92 -16.89
N LYS B 54 -4.04 9.98 -17.58
CA LYS B 54 -2.60 10.25 -17.70
C LYS B 54 -1.93 10.40 -16.35
N MET B 55 -2.61 11.07 -15.42
CA MET B 55 -2.08 11.22 -14.07
C MET B 55 -1.98 9.88 -13.34
N ALA B 56 -3.02 9.06 -13.43
CA ALA B 56 -3.03 7.76 -12.78
C ALA B 56 -1.91 6.89 -13.32
N LEU B 57 -1.75 6.88 -14.64
CA LEU B 57 -0.74 5.99 -15.23
C LEU B 57 0.69 6.51 -15.02
N ASP B 58 0.83 7.83 -14.90
CA ASP B 58 2.11 8.40 -14.45
C ASP B 58 2.47 7.97 -13.04
N TYR B 59 1.48 8.01 -12.17
CA TYR B 59 1.66 7.47 -10.82
C TYR B 59 2.06 6.00 -10.83
N PHE B 60 1.32 5.19 -11.59
CA PHE B 60 1.60 3.77 -11.62
C PHE B 60 2.99 3.50 -12.19
N LYS B 61 3.46 4.31 -13.16
CA LYS B 61 4.82 4.17 -13.63
C LYS B 61 5.79 4.36 -12.48
N ARG B 62 5.57 5.35 -11.63
CA ARG B 62 6.43 5.58 -10.50
CA ARG B 62 6.41 5.61 -10.48
C ARG B 62 6.40 4.43 -9.49
N ILE B 63 5.24 3.83 -9.26
CA ILE B 63 5.15 2.65 -8.41
C ILE B 63 6.02 1.53 -8.99
N ASN B 64 5.87 1.25 -10.28
CA ASN B 64 6.63 0.13 -10.86
C ASN B 64 8.13 0.47 -10.80
N ASP B 65 8.49 1.72 -11.06
CA ASP B 65 9.89 2.14 -11.04
C ASP B 65 10.53 2.03 -9.63
N ASP B 66 9.70 2.01 -8.59
CA ASP B 66 10.17 1.77 -7.22
C ASP B 66 10.74 0.37 -7.02
N LYS B 67 10.34 -0.58 -7.86
CA LYS B 67 10.84 -1.96 -7.79
C LYS B 67 10.73 -2.53 -6.39
N GLY B 68 9.53 -2.36 -5.82
CA GLY B 68 9.25 -2.84 -4.47
C GLY B 68 8.18 -3.92 -4.44
N MET B 69 7.22 -3.82 -3.52
CA MET B 69 6.34 -4.93 -3.26
C MET B 69 5.44 -5.24 -4.44
N ILE B 70 4.94 -4.21 -5.13
CA ILE B 70 3.92 -4.39 -6.17
C ILE B 70 4.34 -3.74 -7.50
N TYR B 71 3.74 -4.27 -8.57
CA TYR B 71 3.87 -3.71 -9.91
C TYR B 71 2.45 -3.69 -10.50
N MET B 72 2.06 -2.56 -11.09
CA MET B 72 0.73 -2.43 -11.63
C MET B 72 0.69 -2.85 -13.09
N VAL B 73 -0.49 -3.32 -13.49
CA VAL B 73 -0.88 -3.55 -14.89
C VAL B 73 -2.30 -3.01 -15.00
N VAL B 74 -2.64 -2.36 -16.10
CA VAL B 74 -3.98 -1.84 -16.26
C VAL B 74 -4.51 -2.16 -17.65
N VAL B 75 -5.77 -2.61 -17.71
CA VAL B 75 -6.46 -2.81 -18.99
C VAL B 75 -7.81 -2.14 -18.91
N ASP B 76 -8.44 -1.87 -20.05
CA ASP B 76 -9.79 -1.36 -20.02
C ASP B 76 -10.80 -2.50 -19.96
N LYS B 77 -12.09 -2.15 -19.87
CA LYS B 77 -13.10 -3.17 -19.64
C LYS B 77 -13.21 -4.20 -20.76
N ASN B 78 -12.72 -3.84 -21.94
CA ASN B 78 -12.72 -4.71 -23.08
C ASN B 78 -11.40 -5.46 -23.29
N GLY B 79 -10.42 -5.22 -22.43
CA GLY B 79 -9.13 -5.90 -22.51
C GLY B 79 -8.05 -5.18 -23.32
N VAL B 80 -8.27 -3.93 -23.68
CA VAL B 80 -7.22 -3.14 -24.31
C VAL B 80 -6.20 -2.81 -23.22
N VAL B 81 -4.93 -3.05 -23.52
CA VAL B 81 -3.90 -2.79 -22.53
C VAL B 81 -3.62 -1.29 -22.42
N LEU B 82 -3.74 -0.75 -21.21
CA LEU B 82 -3.50 0.67 -20.94
C LEU B 82 -2.13 0.93 -20.36
N PHE B 83 -1.60 -0.01 -19.58
CA PHE B 83 -0.35 0.20 -18.85
C PHE B 83 0.27 -1.15 -18.58
N ASP B 84 1.50 -1.34 -19.07
CA ASP B 84 2.32 -2.52 -18.77
C ASP B 84 3.73 -2.29 -19.25
N PRO B 85 4.58 -1.70 -18.40
CA PRO B 85 5.95 -1.43 -18.82
C PRO B 85 6.81 -2.65 -19.16
N VAL B 86 6.39 -3.85 -18.72
CA VAL B 86 7.10 -5.07 -19.09
C VAL B 86 6.88 -5.41 -20.56
N ASN B 87 5.70 -5.06 -21.07
CA ASN B 87 5.29 -5.43 -22.40
C ASN B 87 4.78 -4.18 -23.16
N PRO B 88 5.68 -3.24 -23.41
CA PRO B 88 5.23 -1.93 -23.92
C PRO B 88 4.57 -2.01 -25.27
N LYS B 89 4.90 -3.02 -26.08
CA LYS B 89 4.29 -3.14 -27.42
C LYS B 89 2.81 -3.49 -27.35
N THR B 90 2.35 -4.02 -26.21
CA THR B 90 0.96 -4.36 -26.10
C THR B 90 0.08 -3.18 -25.74
N VAL B 91 0.68 -2.09 -25.29
CA VAL B 91 -0.10 -0.92 -24.88
C VAL B 91 -0.86 -0.34 -26.09
N GLY B 92 -2.16 -0.11 -25.91
CA GLY B 92 -3.03 0.44 -26.94
C GLY B 92 -3.65 -0.61 -27.87
N GLN B 93 -3.24 -1.87 -27.68
CA GLN B 93 -3.75 -3.04 -28.41
C GLN B 93 -4.70 -3.84 -27.55
N SER B 94 -5.62 -4.56 -28.18
CA SER B 94 -6.33 -5.62 -27.47
C SER B 94 -5.35 -6.62 -26.89
N GLY B 95 -5.53 -6.93 -25.61
CA GLY B 95 -4.75 -7.96 -24.98
C GLY B 95 -5.48 -9.30 -24.84
N LEU B 96 -6.63 -9.44 -25.48
CA LEU B 96 -7.42 -10.65 -25.30
C LEU B 96 -6.69 -11.92 -25.72
N ASP B 97 -5.81 -11.84 -26.70
CA ASP B 97 -5.07 -13.03 -27.15
C ASP B 97 -3.63 -13.07 -26.65
N ALA B 98 -3.28 -12.14 -25.77
CA ALA B 98 -1.95 -12.11 -25.19
C ALA B 98 -1.75 -13.32 -24.29
N GLN B 99 -0.63 -14.02 -24.44
CA GLN B 99 -0.35 -15.19 -23.61
C GLN B 99 0.99 -15.02 -22.96
N SER B 100 1.04 -15.37 -21.69
CA SER B 100 2.30 -15.46 -20.99
C SER B 100 3.09 -16.64 -21.54
N VAL B 101 4.37 -16.72 -21.18
CA VAL B 101 5.22 -17.79 -21.67
C VAL B 101 4.76 -19.16 -21.22
N ASP B 102 4.07 -19.23 -20.07
CA ASP B 102 3.46 -20.48 -19.61
C ASP B 102 2.04 -20.70 -20.10
N GLY B 103 1.63 -19.94 -21.12
CA GLY B 103 0.40 -20.23 -21.83
C GLY B 103 -0.88 -19.71 -21.20
N VAL B 104 -0.76 -18.71 -20.34
CA VAL B 104 -1.93 -18.14 -19.68
C VAL B 104 -2.39 -16.88 -20.41
N TYR B 105 -3.68 -16.81 -20.71
CA TYR B 105 -4.27 -15.60 -21.27
C TYR B 105 -4.47 -14.62 -20.14
N TYR B 106 -3.43 -13.87 -19.79
CA TYR B 106 -3.43 -13.16 -18.54
C TYR B 106 -4.44 -12.03 -18.53
N VAL B 107 -4.67 -11.37 -19.67
CA VAL B 107 -5.67 -10.30 -19.70
C VAL B 107 -7.09 -10.88 -19.53
N ARG B 108 -7.34 -12.04 -20.15
CA ARG B 108 -8.61 -12.71 -19.93
C ARG B 108 -8.78 -13.03 -18.43
N GLY B 109 -7.70 -13.44 -17.78
CA GLY B 109 -7.77 -13.68 -16.34
C GLY B 109 -8.10 -12.41 -15.59
N TYR B 110 -7.48 -11.29 -15.95
CA TYR B 110 -7.78 -10.04 -15.23
C TYR B 110 -9.28 -9.73 -15.34
N LEU B 111 -9.84 -9.90 -16.52
CA LEU B 111 -11.22 -9.56 -16.79
C LEU B 111 -12.19 -10.52 -16.10
N GLU B 112 -11.86 -11.82 -16.10
CA GLU B 112 -12.70 -12.81 -15.43
CA GLU B 112 -12.68 -12.84 -15.42
C GLU B 112 -12.75 -12.54 -13.94
N ALA B 113 -11.60 -12.21 -13.35
CA ALA B 113 -11.53 -11.89 -11.94
C ALA B 113 -12.33 -10.63 -11.63
N ALA B 114 -12.20 -9.61 -12.48
CA ALA B 114 -12.87 -8.35 -12.24
C ALA B 114 -14.39 -8.54 -12.33
N LYS B 115 -14.84 -9.40 -13.25
CA LYS B 115 -16.28 -9.63 -13.41
C LYS B 115 -16.92 -10.22 -12.16
N LYS B 116 -16.13 -10.99 -11.41
CA LYS B 116 -16.57 -11.60 -10.15
C LYS B 116 -16.46 -10.66 -8.95
N GLY B 117 -16.04 -9.41 -9.18
CA GLY B 117 -15.90 -8.47 -8.08
C GLY B 117 -14.48 -8.32 -7.56
N GLY B 118 -13.54 -8.96 -8.25
CA GLY B 118 -12.14 -8.97 -7.84
C GLY B 118 -11.65 -10.38 -7.74
N GLY B 119 -10.39 -10.61 -8.12
CA GLY B 119 -9.83 -11.94 -8.00
C GLY B 119 -8.43 -12.04 -8.57
N TYR B 120 -7.95 -13.27 -8.74
CA TYR B 120 -6.54 -13.55 -8.94
C TYR B 120 -6.28 -14.26 -10.27
N THR B 121 -5.12 -13.93 -10.85
CA THR B 121 -4.62 -14.56 -12.07
C THR B 121 -3.14 -14.94 -11.82
N TYR B 122 -2.75 -16.15 -12.22
CA TYR B 122 -1.43 -16.73 -11.91
C TYR B 122 -0.72 -17.06 -13.24
N TYR B 123 0.48 -16.55 -13.41
CA TYR B 123 1.18 -16.68 -14.68
C TYR B 123 2.66 -16.34 -14.47
N LYS B 124 3.46 -16.61 -15.49
CA LYS B 124 4.88 -16.28 -15.48
C LYS B 124 5.14 -15.07 -16.35
N MET B 125 6.02 -14.19 -15.90
CA MET B 125 6.31 -12.95 -16.63
C MET B 125 7.61 -12.38 -16.10
N PRO B 126 8.40 -11.69 -16.96
CA PRO B 126 9.55 -10.98 -16.42
C PRO B 126 9.14 -9.88 -15.46
N LYS B 127 10.11 -9.39 -14.69
CA LYS B 127 9.95 -8.20 -13.88
C LYS B 127 10.17 -6.91 -14.66
N TYR B 128 10.83 -7.00 -15.81
CA TYR B 128 11.09 -5.84 -16.67
C TYR B 128 11.21 -6.37 -18.10
N ASP B 129 11.05 -5.47 -19.05
CA ASP B 129 11.08 -5.82 -20.49
C ASP B 129 12.45 -6.45 -20.81
N GLY B 130 12.41 -7.70 -21.28
CA GLY B 130 13.63 -8.43 -21.64
C GLY B 130 14.27 -9.25 -20.52
N GLY B 131 13.63 -9.30 -19.35
CA GLY B 131 14.17 -10.04 -18.23
C GLY B 131 13.79 -11.52 -18.29
N VAL B 132 14.32 -12.29 -17.35
CA VAL B 132 13.96 -13.69 -17.23
C VAL B 132 12.54 -13.79 -16.66
N PRO B 133 11.70 -14.64 -17.26
CA PRO B 133 10.35 -14.81 -16.68
C PRO B 133 10.36 -15.45 -15.27
N GLU B 134 9.46 -14.97 -14.43
CA GLU B 134 9.27 -15.35 -13.04
CA GLU B 134 9.33 -15.34 -13.05
C GLU B 134 7.83 -15.60 -12.74
N LYS B 135 7.56 -16.54 -11.84
CA LYS B 135 6.19 -16.75 -11.44
C LYS B 135 5.66 -15.54 -10.66
N LYS B 136 4.41 -15.17 -10.94
CA LYS B 136 3.77 -14.05 -10.27
C LYS B 136 2.26 -14.27 -10.16
N PHE B 137 1.59 -13.33 -9.51
CA PHE B 137 0.14 -13.30 -9.51
C PHE B 137 -0.34 -11.87 -9.49
N ALA B 138 -1.57 -11.71 -9.99
CA ALA B 138 -2.23 -10.42 -10.08
C ALA B 138 -3.55 -10.48 -9.36
N TYR B 139 -3.84 -9.45 -8.58
CA TYR B 139 -5.21 -9.16 -8.14
C TYR B 139 -5.75 -8.08 -9.06
N SER B 140 -6.92 -8.33 -9.65
CA SER B 140 -7.55 -7.32 -10.50
C SER B 140 -8.93 -6.98 -9.97
N HIS B 141 -9.34 -5.75 -10.31
CA HIS B 141 -10.59 -5.18 -9.87
C HIS B 141 -11.03 -4.13 -10.85
N TYR B 142 -12.32 -4.11 -11.19
CA TYR B 142 -12.86 -3.05 -12.02
C TYR B 142 -13.26 -1.82 -11.19
N ASP B 143 -12.57 -0.72 -11.46
CA ASP B 143 -12.81 0.52 -10.76
C ASP B 143 -13.84 1.31 -11.54
N GLU B 144 -15.06 1.44 -11.02
CA GLU B 144 -16.11 2.06 -11.85
CA GLU B 144 -16.15 2.07 -11.74
C GLU B 144 -15.85 3.54 -12.08
N VAL B 145 -15.24 4.26 -11.14
CA VAL B 145 -14.99 5.67 -11.35
C VAL B 145 -14.08 5.92 -12.54
N SER B 146 -12.93 5.23 -12.59
CA SER B 146 -11.99 5.42 -13.67
C SER B 146 -12.30 4.58 -14.90
N GLN B 147 -13.19 3.61 -14.73
CA GLN B 147 -13.50 2.62 -15.77
C GLN B 147 -12.26 1.87 -16.25
N MET B 148 -11.38 1.55 -15.32
CA MET B 148 -10.21 0.75 -15.61
C MET B 148 -10.28 -0.54 -14.81
N VAL B 149 -9.79 -1.63 -15.40
CA VAL B 149 -9.47 -2.86 -14.66
C VAL B 149 -8.02 -2.72 -14.21
N ILE B 150 -7.87 -2.50 -12.89
CA ILE B 150 -6.58 -2.22 -12.25
C ILE B 150 -6.09 -3.54 -11.63
N ALA B 151 -4.84 -3.90 -11.96
CA ALA B 151 -4.19 -5.07 -11.39
C ALA B 151 -2.96 -4.70 -10.60
N ALA B 152 -2.98 -5.04 -9.32
CA ALA B 152 -1.78 -5.01 -8.47
C ALA B 152 -1.15 -6.39 -8.51
N THR B 153 0.15 -6.48 -8.75
CA THR B 153 0.81 -7.75 -8.95
C THR B 153 2.06 -7.88 -8.10
N SER B 154 2.42 -9.12 -7.75
CA SER B 154 3.65 -9.40 -7.03
C SER B 154 4.26 -10.69 -7.54
N TYR B 155 5.59 -10.76 -7.41
CA TYR B 155 6.38 -11.88 -7.82
C TYR B 155 6.73 -12.75 -6.61
N TYR B 156 6.65 -14.07 -6.77
CA TYR B 156 6.94 -14.96 -5.66
C TYR B 156 8.35 -14.79 -5.15
N THR B 157 9.32 -14.55 -6.03
CA THR B 157 10.72 -14.32 -5.58
CA THR B 157 10.67 -14.38 -5.58
C THR B 157 10.78 -13.19 -4.59
N ASP B 158 10.03 -12.13 -4.83
CA ASP B 158 10.06 -10.96 -3.94
C ASP B 158 9.38 -11.27 -2.60
N ILE B 159 8.27 -12.01 -2.62
CA ILE B 159 7.61 -12.38 -1.39
C ILE B 159 8.60 -13.20 -0.57
N ASN B 160 9.26 -14.16 -1.21
CA ASN B 160 10.27 -14.96 -0.51
C ASN B 160 11.39 -14.12 0.06
N THR B 161 11.89 -13.14 -0.70
CA THR B 161 12.93 -12.23 -0.18
C THR B 161 12.47 -11.48 1.07
N GLU B 162 11.25 -10.98 1.03
CA GLU B 162 10.69 -10.22 2.14
C GLU B 162 10.52 -11.07 3.40
N ASN B 163 10.27 -12.36 3.19
CA ASN B 163 10.03 -13.31 4.26
C ASN B 163 11.27 -14.13 4.65
N LYS B 164 12.45 -13.79 4.14
CA LYS B 164 13.66 -14.59 4.36
C LYS B 164 14.08 -14.57 5.82
N ALA B 165 14.04 -13.42 6.47
CA ALA B 165 14.44 -13.35 7.87
C ALA B 165 13.52 -14.20 8.75
N ILE B 166 12.23 -14.18 8.46
CA ILE B 166 11.27 -15.05 9.17
C ILE B 166 11.59 -16.54 8.98
N LYS B 167 11.92 -16.92 7.74
CA LYS B 167 12.26 -18.29 7.41
C LYS B 167 13.53 -18.73 8.13
N GLU B 168 14.53 -17.85 8.14
CA GLU B 168 15.80 -18.14 8.82
C GLU B 168 15.58 -18.28 10.32
N GLY B 169 14.67 -17.49 10.88
CA GLY B 169 14.38 -17.56 12.32
C GLY B 169 13.72 -18.88 12.70
N VAL B 170 12.78 -19.34 11.88
CA VAL B 170 12.16 -20.64 12.04
C VAL B 170 13.23 -21.74 12.01
N ASN B 171 14.21 -21.59 11.13
CA ASN B 171 15.38 -22.47 11.13
C ASN B 171 16.32 -22.19 12.30
#